data_2V9T
#
_entry.id   2V9T
#
_cell.length_a   51.270
_cell.length_b   190.090
_cell.length_c   40.870
_cell.angle_alpha   90.00
_cell.angle_beta   90.00
_cell.angle_gamma   90.00
#
_symmetry.space_group_name_H-M   'P 21 21 2'
#
loop_
_entity.id
_entity.type
_entity.pdbx_description
1 polymer 'ROUNDABOUT HOMOLOG 1'
2 polymer 'SLIT HOMOLOG 2 PROTEIN N-PRODUCT'
3 water water
#
loop_
_entity_poly.entity_id
_entity_poly.type
_entity_poly.pdbx_seq_one_letter_code
_entity_poly.pdbx_strand_id
1 'polypeptide(L)'
;GSLRQEDFPPRIVEHPSDLIVSKGEPATLNCKAEGRPTPTIEWYKGGERVETDKDDPRSHRMLLPSGSLFFLRIVHGRKS
RPDEGVYVCVARNYLGEAVSHDASLEVAAAAHHHHHH
;
A
2 'polypeptide(L)'
;GSLHCPAACTCSNNIVDCRGKGLTEIPTNLPETITEIRLEQNTIKVIPPGAFSPYKKLRRIDLSNNQISELAPDAFQGLR
SLNSLVLYGNKITELPKSLFEGLFSLQLLLLNANKINCLRVDAFQDLHNLNLLSLYDNKLQTIAKGTFSPLRAIQTMHLA
QNPFICDCHLKWLADYLHTNPIETSGARCTSPRRLANKRIGQIKSKKFRCSAAAHHHHHH
;
B
#
# COMPACT_ATOMS: atom_id res chain seq x y z
N SER A 2 8.70 35.98 5.02
CA SER A 2 8.36 35.10 3.86
C SER A 2 7.12 34.31 4.17
N LEU A 3 7.18 33.56 5.27
CA LEU A 3 6.11 32.68 5.73
C LEU A 3 6.74 31.56 6.53
N ARG A 4 6.70 31.74 7.85
CA ARG A 4 7.27 30.82 8.80
C ARG A 4 6.21 29.83 9.26
N GLN A 5 6.61 28.59 9.52
CA GLN A 5 5.72 27.68 10.21
C GLN A 5 6.16 27.50 11.68
N GLU A 6 5.36 28.05 12.58
CA GLU A 6 5.60 27.92 14.00
C GLU A 6 5.05 26.57 14.41
N ASP A 7 5.48 26.07 15.58
CA ASP A 7 4.88 24.87 16.13
C ASP A 7 3.38 25.08 16.35
N PHE A 8 2.59 24.04 16.13
CA PHE A 8 1.16 24.14 16.38
C PHE A 8 0.62 22.77 16.78
N PRO A 9 -0.46 22.74 17.61
CA PRO A 9 -1.07 21.45 18.02
C PRO A 9 -1.78 20.72 16.86
N PRO A 10 -2.05 19.42 17.05
CA PRO A 10 -2.60 18.58 15.96
C PRO A 10 -4.04 18.96 15.58
N ARG A 11 -4.34 18.76 14.31
CA ARG A 11 -5.69 18.94 13.79
C ARG A 11 -5.87 17.81 12.79
N ILE A 12 -6.97 17.06 12.89
CA ILE A 12 -7.27 16.00 11.91
C ILE A 12 -7.82 16.67 10.66
N VAL A 13 -7.11 16.48 9.56
CA VAL A 13 -7.56 16.99 8.29
C VAL A 13 -8.19 15.91 7.39
N GLU A 14 -7.86 14.65 7.63
CA GLU A 14 -8.65 13.55 7.04
C GLU A 14 -9.06 12.55 8.11
N HIS A 15 -10.37 12.44 8.36
CA HIS A 15 -10.90 11.42 9.28
C HIS A 15 -10.98 10.06 8.59
N PRO A 16 -10.86 8.96 9.37
CA PRO A 16 -11.10 7.63 8.79
C PRO A 16 -12.53 7.57 8.28
N SER A 17 -12.79 6.79 7.23
CA SER A 17 -14.14 6.70 6.75
C SER A 17 -14.64 5.26 6.85
N ASP A 18 -15.96 5.12 7.04
CA ASP A 18 -16.58 3.82 7.12
C ASP A 18 -16.14 2.93 5.96
N LEU A 19 -15.92 1.66 6.26
CA LEU A 19 -15.47 0.71 5.28
C LEU A 19 -16.17 -0.62 5.41
N ILE A 20 -16.57 -1.18 4.28
CA ILE A 20 -17.09 -2.52 4.19
C ILE A 20 -16.09 -3.35 3.40
N VAL A 21 -15.75 -4.51 3.94
CA VAL A 21 -14.72 -5.35 3.37
C VAL A 21 -15.08 -6.83 3.59
N SER A 22 -14.48 -7.73 2.85
CA SER A 22 -14.73 -9.15 3.04
C SER A 22 -13.51 -9.80 3.66
N LYS A 23 -13.74 -10.94 4.33
CA LYS A 23 -12.67 -11.75 4.88
C LYS A 23 -11.51 -11.91 3.89
N GLY A 24 -10.29 -11.72 4.35
CA GLY A 24 -9.13 -12.04 3.51
C GLY A 24 -8.65 -10.88 2.63
N GLU A 25 -9.52 -9.88 2.48
CA GLU A 25 -9.22 -8.69 1.64
C GLU A 25 -8.49 -7.63 2.44
N PRO A 26 -7.69 -6.79 1.75
CA PRO A 26 -6.99 -5.72 2.46
C PRO A 26 -7.93 -4.54 2.78
N ALA A 27 -7.55 -3.76 3.77
CA ALA A 27 -8.34 -2.59 4.17
C ALA A 27 -7.42 -1.52 4.75
N THR A 28 -7.75 -0.25 4.51
CA THR A 28 -7.05 0.85 5.11
C THR A 28 -8.01 1.84 5.75
N LEU A 29 -7.70 2.27 6.97
CA LEU A 29 -8.42 3.39 7.53
C LEU A 29 -7.38 4.51 7.59
N ASN A 30 -7.78 5.68 7.06
CA ASN A 30 -6.84 6.77 6.95
C ASN A 30 -6.97 7.73 8.12
N CYS A 31 -5.90 8.44 8.42
CA CYS A 31 -5.96 9.44 9.46
C CYS A 31 -4.89 10.52 9.20
N LYS A 32 -5.25 11.60 8.51
CA LYS A 32 -4.23 12.62 8.27
C LYS A 32 -4.39 13.75 9.26
N ALA A 33 -3.34 13.98 10.05
CA ALA A 33 -3.28 15.08 11.01
C ALA A 33 -2.20 16.11 10.62
N GLU A 34 -2.53 17.40 10.70
CA GLU A 34 -1.50 18.45 10.60
C GLU A 34 -1.02 18.80 11.99
N GLY A 35 0.18 19.37 12.08
CA GLY A 35 0.71 19.76 13.36
C GLY A 35 2.20 19.82 13.21
N ARG A 36 2.81 20.58 14.10
CA ARG A 36 4.26 20.68 14.08
C ARG A 36 4.72 20.84 15.52
N PRO A 37 5.56 19.90 16.02
CA PRO A 37 6.15 18.73 15.32
C PRO A 37 5.11 17.77 14.80
N THR A 38 5.48 16.99 13.78
CA THR A 38 4.57 16.02 13.19
C THR A 38 3.91 15.19 14.29
N PRO A 39 2.55 15.19 14.34
CA PRO A 39 1.83 14.39 15.36
C PRO A 39 2.10 12.89 15.20
N THR A 40 2.15 12.20 16.32
CA THR A 40 2.13 10.75 16.31
C THR A 40 0.69 10.28 16.37
N ILE A 41 0.43 9.15 15.72
CA ILE A 41 -0.91 8.62 15.53
C ILE A 41 -1.08 7.32 16.31
N GLU A 42 -2.18 7.21 17.05
CA GLU A 42 -2.57 5.98 17.73
C GLU A 42 -3.99 5.63 17.31
N TRP A 43 -4.28 4.34 17.19
CA TRP A 43 -5.60 3.87 16.80
C TRP A 43 -6.26 3.15 17.95
N TYR A 44 -7.59 3.31 18.06
CA TYR A 44 -8.41 2.71 19.09
C TYR A 44 -9.61 2.05 18.46
N LYS A 45 -9.91 0.80 18.86
CA LYS A 45 -11.06 0.06 18.38
C LYS A 45 -11.93 -0.16 19.60
N GLY A 46 -13.18 0.27 19.50
CA GLY A 46 -14.06 0.25 20.65
C GLY A 46 -13.38 0.82 21.90
N GLY A 47 -12.57 1.88 21.72
CA GLY A 47 -11.92 2.52 22.88
C GLY A 47 -10.64 1.86 23.39
N GLU A 48 -10.21 0.77 22.75
CA GLU A 48 -9.04 -0.02 23.16
C GLU A 48 -7.91 0.18 22.16
N ARG A 49 -6.69 0.43 22.64
CA ARG A 49 -5.58 0.71 21.75
C ARG A 49 -5.27 -0.45 20.80
N VAL A 50 -5.22 -0.17 19.51
CA VAL A 50 -4.89 -1.16 18.47
C VAL A 50 -3.36 -1.47 18.37
N GLU A 51 -3.00 -2.74 18.47
CA GLU A 51 -1.58 -3.14 18.29
C GLU A 51 -1.24 -3.20 16.82
N THR A 52 -0.09 -2.65 16.44
CA THR A 52 0.35 -2.67 15.04
C THR A 52 1.81 -3.14 15.00
N ASP A 53 2.32 -3.36 13.80
CA ASP A 53 3.73 -3.65 13.61
C ASP A 53 4.72 -2.80 14.44
N LYS A 54 4.34 -1.54 14.69
CA LYS A 54 5.10 -0.56 15.49
C LYS A 54 5.07 -0.81 17.02
N ASP A 55 4.13 -1.66 17.46
CA ASP A 55 4.07 -2.19 18.86
C ASP A 55 4.41 -3.69 18.90
N ASP A 56 3.98 -4.42 17.87
CA ASP A 56 4.48 -5.78 17.59
C ASP A 56 4.79 -6.06 16.11
N PRO A 57 6.09 -6.17 15.76
CA PRO A 57 6.54 -6.60 14.42
C PRO A 57 5.85 -7.83 13.82
N ARG A 58 5.19 -8.63 14.67
CA ARG A 58 4.37 -9.78 14.22
C ARG A 58 2.90 -9.37 14.03
N SER A 59 2.43 -9.34 12.77
CA SER A 59 1.21 -8.57 12.45
C SER A 59 0.67 -8.57 11.00
N HIS A 60 -0.66 -8.54 10.91
CA HIS A 60 -1.39 -8.28 9.66
C HIS A 60 -1.77 -6.78 9.57
N ARG A 61 -1.45 -6.02 10.61
CA ARG A 61 -1.79 -4.60 10.72
C ARG A 61 -0.55 -3.73 10.79
N MET A 62 -0.50 -2.72 9.95
CA MET A 62 0.65 -1.84 9.95
C MET A 62 0.18 -0.41 10.15
N LEU A 63 0.95 0.36 10.90
CA LEU A 63 0.70 1.78 11.01
C LEU A 63 1.68 2.41 10.04
N LEU A 64 1.16 3.00 8.97
CA LEU A 64 2.01 3.55 7.93
C LEU A 64 2.47 4.94 8.32
N PRO A 65 3.59 5.41 7.74
CA PRO A 65 4.05 6.74 8.07
C PRO A 65 3.02 7.87 7.86
N SER A 66 2.05 7.70 6.96
CA SER A 66 0.94 8.67 6.78
C SER A 66 -0.01 8.76 7.98
N GLY A 67 0.08 7.78 8.89
CA GLY A 67 -0.88 7.64 9.97
C GLY A 67 -1.95 6.59 9.66
N SER A 68 -1.99 6.13 8.43
CA SER A 68 -3.00 5.15 8.04
C SER A 68 -2.78 3.78 8.70
N LEU A 69 -3.89 3.14 9.04
CA LEU A 69 -3.86 1.81 9.59
C LEU A 69 -4.20 0.83 8.45
N PHE A 70 -3.19 0.07 8.07
CA PHE A 70 -3.28 -0.83 6.94
C PHE A 70 -3.47 -2.30 7.40
N PHE A 71 -4.54 -2.94 6.93
CA PHE A 71 -4.77 -4.34 7.25
C PHE A 71 -4.43 -5.12 6.01
N LEU A 72 -3.42 -5.97 6.07
CA LEU A 72 -3.01 -6.67 4.88
C LEU A 72 -4.12 -7.63 4.46
N ARG A 73 -4.81 -8.19 5.45
CA ARG A 73 -5.92 -9.09 5.20
C ARG A 73 -6.84 -8.98 6.39
N ILE A 74 -8.13 -8.89 6.14
CA ILE A 74 -9.11 -8.85 7.21
C ILE A 74 -9.33 -10.26 7.79
N VAL A 75 -9.18 -10.37 9.11
CA VAL A 75 -9.35 -11.64 9.82
C VAL A 75 -10.79 -11.66 10.31
N HIS A 76 -11.52 -12.70 9.90
CA HIS A 76 -12.93 -12.84 10.29
C HIS A 76 -13.29 -14.33 10.17
N GLY A 77 -13.03 -15.08 11.23
CA GLY A 77 -13.38 -16.50 11.29
C GLY A 77 -14.72 -16.71 11.96
N ARG A 78 -15.16 -17.96 12.09
CA ARG A 78 -16.42 -18.24 12.77
C ARG A 78 -16.35 -17.74 14.21
N LYS A 79 -15.21 -17.97 14.85
CA LYS A 79 -15.04 -17.66 16.27
C LYS A 79 -13.72 -16.95 16.56
N SER A 80 -13.40 -15.92 15.75
CA SER A 80 -12.24 -15.04 15.94
C SER A 80 -12.30 -13.82 15.00
N ARG A 81 -12.53 -12.64 15.58
CA ARG A 81 -12.87 -11.45 14.81
C ARG A 81 -12.20 -10.22 15.37
N PRO A 82 -10.87 -10.11 15.17
CA PRO A 82 -10.08 -9.05 15.79
C PRO A 82 -10.09 -7.71 15.07
N ASP A 83 -10.71 -7.64 13.89
CA ASP A 83 -10.58 -6.44 13.04
C ASP A 83 -11.85 -5.60 12.92
N GLU A 84 -12.99 -6.25 12.75
CA GLU A 84 -14.28 -5.55 12.68
C GLU A 84 -14.47 -4.72 13.92
N GLY A 85 -14.95 -3.48 13.76
CA GLY A 85 -15.25 -2.66 14.91
C GLY A 85 -15.35 -1.20 14.52
N VAL A 86 -15.43 -0.36 15.53
CA VAL A 86 -15.48 1.09 15.36
C VAL A 86 -14.16 1.69 15.84
N TYR A 87 -13.50 2.43 14.93
CA TYR A 87 -12.13 2.94 15.12
C TYR A 87 -12.13 4.45 15.24
N VAL A 88 -11.20 4.94 16.05
CA VAL A 88 -10.87 6.35 16.16
CA VAL A 88 -10.83 6.36 16.04
C VAL A 88 -9.32 6.47 16.08
N CYS A 89 -8.82 7.53 15.49
CA CYS A 89 -7.38 7.79 15.57
C CYS A 89 -7.20 9.02 16.43
N VAL A 90 -6.08 9.05 17.15
CA VAL A 90 -5.71 10.18 17.98
C VAL A 90 -4.34 10.64 17.57
N ALA A 91 -4.21 11.93 17.34
CA ALA A 91 -2.95 12.53 16.89
C ALA A 91 -2.42 13.38 18.05
N ARG A 92 -1.13 13.26 18.40
CA ARG A 92 -0.60 13.95 19.57
C ARG A 92 0.70 14.61 19.16
N ASN A 93 0.91 15.84 19.66
CA ASN A 93 2.31 16.35 19.78
C ASN A 93 2.41 17.09 21.11
N TYR A 94 3.56 17.71 21.37
CA TYR A 94 3.72 18.32 22.66
C TYR A 94 2.75 19.47 22.97
N LEU A 95 2.06 19.98 21.94
CA LEU A 95 1.14 21.09 22.15
C LEU A 95 -0.32 20.66 22.37
N GLY A 96 -0.62 19.41 22.05
CA GLY A 96 -1.99 18.93 22.26
C GLY A 96 -2.34 17.66 21.53
N GLU A 97 -3.62 17.40 21.44
CA GLU A 97 -4.10 16.18 20.77
C GLU A 97 -5.39 16.48 20.01
N ALA A 98 -5.67 15.66 19.01
CA ALA A 98 -6.91 15.72 18.24
C ALA A 98 -7.43 14.30 18.09
N VAL A 99 -8.72 14.13 18.35
CA VAL A 99 -9.39 12.83 18.22
C VAL A 99 -10.30 12.83 16.99
N SER A 100 -10.18 11.80 16.14
CA SER A 100 -10.97 11.78 14.88
C SER A 100 -12.41 11.40 15.17
N HIS A 101 -13.27 11.55 14.17
CA HIS A 101 -14.58 10.92 14.17
C HIS A 101 -14.42 9.41 14.15
N ASP A 102 -15.49 8.70 14.52
CA ASP A 102 -15.55 7.24 14.46
C ASP A 102 -15.53 6.81 13.02
N ALA A 103 -15.00 5.61 12.79
CA ALA A 103 -15.19 4.97 11.49
C ALA A 103 -15.48 3.47 11.71
N SER A 104 -16.51 2.94 11.08
CA SER A 104 -16.87 1.54 11.26
CA SER A 104 -16.86 1.55 11.26
C SER A 104 -16.18 0.71 10.19
N LEU A 105 -15.53 -0.37 10.64
CA LEU A 105 -14.95 -1.36 9.73
CA LEU A 105 -14.95 -1.36 9.72
C LEU A 105 -15.81 -2.60 9.84
N GLU A 106 -16.50 -2.93 8.75
CA GLU A 106 -17.53 -3.97 8.77
C GLU A 106 -17.19 -5.05 7.75
N VAL A 107 -17.45 -6.29 8.12
CA VAL A 107 -17.16 -7.40 7.23
C VAL A 107 -18.44 -7.88 6.58
N ALA A 108 -18.46 -7.87 5.25
CA ALA A 108 -19.55 -8.47 4.48
C ALA A 108 -19.20 -9.93 4.26
N GLY B 1 -6.65 32.17 -11.94
CA GLY B 1 -6.60 30.86 -12.65
C GLY B 1 -8.02 30.45 -12.97
N SER B 2 -8.18 29.37 -13.74
CA SER B 2 -9.47 28.78 -13.99
C SER B 2 -9.64 27.67 -12.95
N LEU B 3 -10.80 27.01 -12.94
CA LEU B 3 -11.07 25.93 -11.99
C LEU B 3 -10.35 24.61 -12.35
N HIS B 4 -9.61 24.03 -11.40
CA HIS B 4 -8.91 22.77 -11.66
C HIS B 4 -9.28 21.65 -10.68
N CYS B 5 -10.44 21.77 -10.03
CA CYS B 5 -10.90 20.74 -9.12
C CYS B 5 -12.13 20.09 -9.76
N PRO B 6 -12.08 18.76 -10.00
CA PRO B 6 -13.30 18.10 -10.54
C PRO B 6 -14.43 18.22 -9.52
N ALA B 7 -15.65 18.42 -10.01
CA ALA B 7 -16.82 18.61 -9.14
C ALA B 7 -17.06 17.37 -8.28
N ALA B 8 -16.65 16.20 -8.75
CA ALA B 8 -16.92 14.97 -8.00
C ALA B 8 -15.97 14.88 -6.79
N CYS B 9 -14.87 15.60 -6.86
CA CYS B 9 -13.85 15.51 -5.85
C CYS B 9 -13.91 16.70 -4.89
N THR B 10 -13.07 16.65 -3.88
CA THR B 10 -12.78 17.88 -3.10
C THR B 10 -11.27 18.15 -3.20
N CYS B 11 -10.89 19.42 -3.30
CA CYS B 11 -9.48 19.76 -3.35
C CYS B 11 -9.18 20.64 -2.14
N SER B 12 -8.40 20.12 -1.22
CA SER B 12 -8.00 20.85 -0.01
CA SER B 12 -7.98 20.91 -0.06
C SER B 12 -6.48 20.87 0.13
N ASN B 13 -5.89 22.07 0.09
CA ASN B 13 -4.44 22.22 0.32
C ASN B 13 -3.71 21.21 -0.56
N ASN B 14 -4.04 21.17 -1.85
CA ASN B 14 -3.33 20.28 -2.79
C ASN B 14 -3.51 18.77 -2.58
N ILE B 15 -4.46 18.42 -1.72
CA ILE B 15 -4.89 17.02 -1.64
C ILE B 15 -6.22 16.88 -2.40
N VAL B 16 -6.24 16.03 -3.42
CA VAL B 16 -7.44 15.88 -4.20
C VAL B 16 -8.12 14.54 -3.93
N ASP B 17 -9.31 14.59 -3.35
CA ASP B 17 -9.97 13.43 -2.83
C ASP B 17 -11.16 13.12 -3.73
N CYS B 18 -11.08 11.99 -4.44
CA CYS B 18 -12.09 11.62 -5.45
C CYS B 18 -12.66 10.23 -5.09
N ARG B 19 -12.51 9.83 -3.84
CA ARG B 19 -12.81 8.44 -3.46
C ARG B 19 -14.31 8.12 -3.55
N GLY B 20 -14.64 6.91 -3.99
CA GLY B 20 -16.02 6.39 -3.89
C GLY B 20 -17.02 7.21 -4.68
N LYS B 21 -16.60 7.66 -5.87
CA LYS B 21 -17.47 8.52 -6.70
C LYS B 21 -17.89 7.91 -8.02
N GLY B 22 -17.68 6.59 -8.17
CA GLY B 22 -18.11 5.90 -9.35
C GLY B 22 -17.38 6.38 -10.59
N LEU B 23 -16.15 6.89 -10.44
CA LEU B 23 -15.37 7.34 -11.60
C LEU B 23 -14.82 6.19 -12.43
N THR B 24 -14.88 6.31 -13.75
CA THR B 24 -14.31 5.27 -14.63
C THR B 24 -12.99 5.69 -15.21
N GLU B 25 -12.64 6.94 -15.06
CA GLU B 25 -11.34 7.39 -15.52
C GLU B 25 -10.74 8.36 -14.54
N ILE B 26 -9.42 8.53 -14.62
CA ILE B 26 -8.75 9.53 -13.79
C ILE B 26 -9.20 10.91 -14.27
N PRO B 27 -9.65 11.79 -13.35
CA PRO B 27 -10.00 13.13 -13.79
C PRO B 27 -8.78 13.86 -14.38
N THR B 28 -8.99 14.56 -15.48
CA THR B 28 -7.88 15.29 -16.10
C THR B 28 -7.85 16.75 -15.63
N ASN B 29 -6.75 17.47 -15.87
CA ASN B 29 -6.76 18.94 -15.60
C ASN B 29 -6.71 19.31 -14.11
N LEU B 30 -6.12 18.45 -13.30
CA LEU B 30 -6.03 18.65 -11.85
C LEU B 30 -5.06 19.82 -11.57
N PRO B 31 -5.01 20.34 -10.32
CA PRO B 31 -4.06 21.41 -10.02
C PRO B 31 -2.62 20.96 -10.23
N GLU B 32 -1.80 21.80 -10.86
CA GLU B 32 -0.39 21.40 -11.12
C GLU B 32 0.38 21.22 -9.81
N THR B 33 -0.15 21.79 -8.72
CA THR B 33 0.49 21.80 -7.41
C THR B 33 0.10 20.57 -6.53
N ILE B 34 -0.75 19.70 -7.07
CA ILE B 34 -1.31 18.53 -6.36
C ILE B 34 -0.18 17.69 -5.71
N THR B 35 -0.34 17.35 -4.42
CA THR B 35 0.63 16.45 -3.77
C THR B 35 0.05 15.06 -3.48
N GLU B 36 -1.28 14.92 -3.58
CA GLU B 36 -1.88 13.66 -3.23
C GLU B 36 -3.15 13.52 -4.07
N ILE B 37 -3.27 12.35 -4.72
CA ILE B 37 -4.45 12.05 -5.49
C ILE B 37 -5.11 10.75 -4.98
N ARG B 38 -6.35 10.86 -4.53
CA ARG B 38 -7.05 9.78 -3.84
C ARG B 38 -8.24 9.31 -4.71
N LEU B 39 -8.04 8.16 -5.38
CA LEU B 39 -9.00 7.62 -6.34
C LEU B 39 -9.49 6.24 -5.90
N GLU B 40 -9.26 5.91 -4.64
CA GLU B 40 -9.67 4.58 -4.19
C GLU B 40 -11.21 4.41 -4.26
N GLN B 41 -11.60 3.16 -4.46
CA GLN B 41 -13.02 2.77 -4.48
C GLN B 41 -13.76 3.42 -5.64
N ASN B 42 -13.16 3.40 -6.82
CA ASN B 42 -13.89 3.83 -8.02
C ASN B 42 -13.98 2.66 -9.02
N THR B 43 -14.25 2.94 -10.29
CA THR B 43 -14.33 1.84 -11.28
CA THR B 43 -14.40 1.90 -11.30
C THR B 43 -13.41 2.04 -12.48
N ILE B 44 -12.21 2.49 -12.19
CA ILE B 44 -11.19 2.76 -13.20
C ILE B 44 -10.67 1.39 -13.67
N LYS B 45 -10.59 1.21 -14.98
CA LYS B 45 -10.15 -0.07 -15.59
C LYS B 45 -8.71 0.01 -16.17
N VAL B 46 -8.31 1.21 -16.58
CA VAL B 46 -7.08 1.38 -17.34
C VAL B 46 -6.39 2.64 -16.85
N ILE B 47 -5.07 2.56 -16.62
CA ILE B 47 -4.28 3.75 -16.37
C ILE B 47 -3.58 4.15 -17.68
N PRO B 48 -4.00 5.26 -18.29
CA PRO B 48 -3.60 5.62 -19.66
C PRO B 48 -2.19 6.19 -19.73
N PRO B 49 -1.61 6.30 -20.96
CA PRO B 49 -0.27 6.86 -21.16
C PRO B 49 -0.02 8.15 -20.38
N GLY B 50 1.11 8.22 -19.70
CA GLY B 50 1.49 9.41 -18.92
C GLY B 50 0.45 9.96 -17.97
N ALA B 51 -0.44 9.09 -17.45
CA ALA B 51 -1.55 9.52 -16.57
C ALA B 51 -1.15 10.53 -15.49
N PHE B 52 -0.06 10.26 -14.76
CA PHE B 52 0.34 11.10 -13.64
C PHE B 52 1.54 11.99 -13.88
N SER B 53 2.16 11.81 -15.06
CA SER B 53 3.39 12.53 -15.41
C SER B 53 3.34 14.03 -15.27
N PRO B 54 2.19 14.67 -15.57
CA PRO B 54 2.21 16.14 -15.41
C PRO B 54 2.33 16.67 -13.98
N TYR B 55 2.08 15.83 -12.99
CA TYR B 55 1.88 16.33 -11.62
C TYR B 55 3.16 16.12 -10.77
N LYS B 56 4.11 17.03 -10.97
CA LYS B 56 5.48 16.84 -10.48
C LYS B 56 5.62 16.89 -8.97
N LYS B 57 4.63 17.49 -8.32
CA LYS B 57 4.68 17.55 -6.84
C LYS B 57 3.91 16.39 -6.20
N LEU B 58 3.37 15.47 -7.01
CA LEU B 58 2.72 14.27 -6.41
C LEU B 58 3.63 13.46 -5.45
N ARG B 59 3.13 13.26 -4.22
CA ARG B 59 3.77 12.41 -3.25
C ARG B 59 3.04 11.11 -2.99
N ARG B 60 1.72 11.07 -3.25
CA ARG B 60 0.90 9.90 -2.95
C ARG B 60 -0.14 9.71 -4.02
N ILE B 61 -0.16 8.50 -4.59
CA ILE B 61 -1.21 8.11 -5.56
C ILE B 61 -1.91 6.90 -4.96
N ASP B 62 -3.23 6.99 -4.77
CA ASP B 62 -3.95 5.82 -4.26
C ASP B 62 -5.02 5.40 -5.28
N LEU B 63 -4.87 4.19 -5.83
CA LEU B 63 -5.78 3.67 -6.81
C LEU B 63 -6.34 2.36 -6.31
N SER B 64 -6.34 2.15 -4.99
CA SER B 64 -6.77 0.84 -4.47
C SER B 64 -8.24 0.61 -4.77
N ASN B 65 -8.66 -0.65 -4.88
CA ASN B 65 -10.09 -0.97 -5.02
C ASN B 65 -10.70 -0.25 -6.22
N ASN B 66 -10.00 -0.33 -7.33
CA ASN B 66 -10.62 -0.04 -8.62
C ASN B 66 -10.81 -1.35 -9.38
N GLN B 67 -10.81 -1.30 -10.71
CA GLN B 67 -10.89 -2.53 -11.51
C GLN B 67 -9.74 -2.55 -12.52
N ILE B 68 -8.57 -2.10 -12.09
CA ILE B 68 -7.48 -1.85 -13.04
C ILE B 68 -6.94 -3.15 -13.62
N SER B 69 -7.00 -3.28 -14.95
CA SER B 69 -6.43 -4.45 -15.63
C SER B 69 -5.23 -4.10 -16.51
N GLU B 70 -4.98 -2.81 -16.73
CA GLU B 70 -3.90 -2.37 -17.61
C GLU B 70 -3.36 -1.03 -17.14
N LEU B 71 -2.03 -0.93 -17.11
CA LEU B 71 -1.36 0.35 -16.87
C LEU B 71 -0.37 0.65 -17.99
N ALA B 72 -0.40 1.88 -18.46
CA ALA B 72 0.57 2.31 -19.47
C ALA B 72 1.98 2.36 -18.85
N PRO B 73 3.00 1.95 -19.63
CA PRO B 73 4.36 1.89 -19.07
C PRO B 73 4.87 3.24 -18.59
N ASP B 74 4.40 4.33 -19.19
CA ASP B 74 4.87 5.64 -18.73
C ASP B 74 3.90 6.40 -17.77
N ALA B 75 3.02 5.64 -17.11
CA ALA B 75 1.98 6.23 -16.25
C ALA B 75 2.55 7.08 -15.12
N PHE B 76 3.77 6.76 -14.69
CA PHE B 76 4.35 7.43 -13.55
C PHE B 76 5.67 8.07 -13.97
N GLN B 77 5.84 8.25 -15.28
CA GLN B 77 7.06 8.83 -15.82
C GLN B 77 7.35 10.27 -15.34
N GLY B 78 8.58 10.50 -14.88
CA GLY B 78 8.99 11.86 -14.53
C GLY B 78 8.49 12.36 -13.18
N LEU B 79 8.15 11.43 -12.28
CA LEU B 79 7.73 11.77 -10.92
C LEU B 79 8.97 11.52 -10.05
N ARG B 80 9.54 12.55 -9.46
CA ARG B 80 10.73 12.35 -8.63
C ARG B 80 10.41 12.58 -7.14
N SER B 81 9.15 12.85 -6.83
CA SER B 81 8.80 13.13 -5.44
C SER B 81 7.82 12.12 -4.89
N LEU B 82 7.46 11.15 -5.72
CA LEU B 82 6.45 10.16 -5.33
C LEU B 82 6.97 9.29 -4.20
N ASN B 83 6.19 9.21 -3.11
CA ASN B 83 6.60 8.58 -1.86
C ASN B 83 5.82 7.29 -1.67
N SER B 84 4.56 7.32 -2.14
CA SER B 84 3.71 6.18 -1.88
C SER B 84 2.78 5.90 -3.08
N LEU B 85 2.76 4.64 -3.52
CA LEU B 85 1.92 4.21 -4.65
C LEU B 85 1.13 2.99 -4.18
N VAL B 86 -0.20 3.11 -4.11
CA VAL B 86 -1.05 2.05 -3.63
C VAL B 86 -2.00 1.60 -4.75
N LEU B 87 -1.90 0.31 -5.06
CA LEU B 87 -2.57 -0.29 -6.20
C LEU B 87 -3.31 -1.59 -5.82
N TYR B 88 -3.55 -1.79 -4.52
CA TYR B 88 -4.09 -3.07 -4.12
C TYR B 88 -5.57 -3.19 -4.45
N GLY B 89 -6.08 -4.42 -4.50
CA GLY B 89 -7.50 -4.64 -4.82
C GLY B 89 -7.85 -4.24 -6.24
N ASN B 90 -7.00 -4.62 -7.20
CA ASN B 90 -7.31 -4.41 -8.60
C ASN B 90 -7.24 -5.74 -9.37
N LYS B 91 -7.11 -5.67 -10.68
CA LYS B 91 -7.08 -6.92 -11.50
C LYS B 91 -5.82 -6.95 -12.40
N ILE B 92 -4.71 -6.44 -11.86
CA ILE B 92 -3.45 -6.28 -12.58
C ILE B 92 -2.84 -7.64 -12.74
N THR B 93 -2.49 -8.00 -13.99
CA THR B 93 -1.84 -9.30 -14.25
C THR B 93 -0.35 -9.17 -14.55
N GLU B 94 0.05 -8.03 -15.06
CA GLU B 94 1.47 -7.79 -15.37
C GLU B 94 1.78 -6.31 -15.27
N LEU B 95 3.05 -6.02 -15.04
CA LEU B 95 3.57 -4.67 -14.87
C LEU B 95 4.47 -4.47 -16.07
N PRO B 96 4.14 -3.51 -16.94
CA PRO B 96 4.94 -3.38 -18.17
C PRO B 96 6.35 -2.95 -17.86
N LYS B 97 7.26 -3.23 -18.77
CA LYS B 97 8.64 -2.76 -18.66
C LYS B 97 8.62 -1.24 -18.37
N SER B 98 9.41 -0.80 -17.39
CA SER B 98 9.60 0.62 -17.06
C SER B 98 8.51 1.25 -16.22
N LEU B 99 7.54 0.46 -15.80
CA LEU B 99 6.44 1.02 -15.00
C LEU B 99 6.93 1.85 -13.81
N PHE B 100 7.94 1.37 -13.09
CA PHE B 100 8.42 2.08 -11.89
C PHE B 100 9.76 2.77 -12.13
N GLU B 101 10.14 2.91 -13.40
CA GLU B 101 11.39 3.61 -13.74
C GLU B 101 11.38 5.03 -13.19
N GLY B 102 12.52 5.45 -12.58
CA GLY B 102 12.70 6.82 -12.11
C GLY B 102 12.03 7.16 -10.79
N LEU B 103 11.38 6.19 -10.15
CA LEU B 103 10.67 6.44 -8.87
C LEU B 103 11.64 6.33 -7.67
N PHE B 104 12.73 7.06 -7.78
CA PHE B 104 13.84 6.94 -6.80
C PHE B 104 13.39 7.28 -5.38
N SER B 105 12.36 8.10 -5.26
CA SER B 105 11.87 8.57 -3.95
C SER B 105 10.88 7.60 -3.28
N LEU B 106 10.44 6.59 -4.04
CA LEU B 106 9.28 5.77 -3.61
C LEU B 106 9.63 5.01 -2.34
N GLN B 107 8.73 5.09 -1.35
CA GLN B 107 8.96 4.38 -0.09
C GLN B 107 7.98 3.27 0.21
N LEU B 108 6.79 3.38 -0.36
CA LEU B 108 5.73 2.42 -0.11
C LEU B 108 5.11 2.01 -1.47
N LEU B 109 5.04 0.71 -1.69
CA LEU B 109 4.46 0.18 -2.93
C LEU B 109 3.59 -1.01 -2.56
N LEU B 110 2.26 -0.80 -2.64
CA LEU B 110 1.25 -1.84 -2.35
C LEU B 110 0.63 -2.38 -3.66
N LEU B 111 1.04 -3.60 -3.97
CA LEU B 111 0.61 -4.33 -5.15
C LEU B 111 -0.19 -5.59 -4.78
N ASN B 112 -0.53 -5.71 -3.50
CA ASN B 112 -1.27 -6.90 -2.99
C ASN B 112 -2.71 -6.98 -3.56
N ALA B 113 -3.29 -8.18 -3.55
CA ALA B 113 -4.66 -8.39 -4.00
C ALA B 113 -4.80 -7.91 -5.46
N ASN B 114 -3.97 -8.49 -6.33
CA ASN B 114 -4.12 -8.36 -7.78
C ASN B 114 -4.04 -9.77 -8.38
N LYS B 115 -3.69 -9.87 -9.65
CA LYS B 115 -3.57 -11.15 -10.31
C LYS B 115 -2.20 -11.26 -10.98
N ILE B 116 -1.15 -10.71 -10.35
CA ILE B 116 0.14 -10.54 -11.02
C ILE B 116 0.72 -11.95 -11.20
N ASN B 117 0.98 -12.33 -12.43
CA ASN B 117 1.44 -13.71 -12.66
C ASN B 117 2.94 -13.82 -13.01
N CYS B 118 3.62 -12.67 -13.09
CA CYS B 118 5.01 -12.58 -13.50
C CYS B 118 5.57 -11.20 -13.12
N LEU B 119 6.80 -11.18 -12.64
CA LEU B 119 7.54 -9.93 -12.38
C LEU B 119 8.83 -9.94 -13.19
N ARG B 120 9.13 -8.80 -13.79
CA ARG B 120 10.38 -8.62 -14.52
C ARG B 120 11.54 -8.43 -13.54
N VAL B 121 12.71 -8.96 -13.89
CA VAL B 121 13.87 -8.78 -13.02
CA VAL B 121 13.94 -8.77 -13.08
C VAL B 121 14.20 -7.29 -12.78
N ASP B 122 13.82 -6.44 -13.74
CA ASP B 122 14.08 -5.01 -13.60
C ASP B 122 12.90 -4.25 -13.01
N ALA B 123 11.92 -4.97 -12.45
CA ALA B 123 10.65 -4.34 -12.06
C ALA B 123 10.86 -3.22 -11.04
N PHE B 124 11.87 -3.39 -10.16
CA PHE B 124 12.10 -2.43 -9.07
C PHE B 124 13.49 -1.77 -9.18
N GLN B 125 13.97 -1.69 -10.42
CA GLN B 125 15.36 -1.26 -10.74
C GLN B 125 15.83 0.01 -10.03
N ASP B 126 14.94 1.00 -9.97
CA ASP B 126 15.27 2.31 -9.41
C ASP B 126 14.75 2.47 -7.99
N LEU B 127 14.16 1.41 -7.42
CA LEU B 127 13.50 1.61 -6.09
C LEU B 127 14.41 1.48 -4.87
N HIS B 128 15.49 2.27 -4.85
CA HIS B 128 16.52 2.16 -3.79
C HIS B 128 16.15 2.69 -2.42
N ASN B 129 15.05 3.42 -2.35
CA ASN B 129 14.53 3.95 -1.09
C ASN B 129 13.25 3.24 -0.61
N LEU B 130 12.82 2.20 -1.35
CA LEU B 130 11.60 1.48 -1.01
C LEU B 130 11.78 0.85 0.38
N ASN B 131 10.80 1.06 1.26
CA ASN B 131 10.80 0.53 2.62
C ASN B 131 9.82 -0.63 2.79
N LEU B 132 8.66 -0.50 2.14
CA LEU B 132 7.64 -1.55 2.21
C LEU B 132 7.19 -1.93 0.81
N LEU B 133 7.23 -3.24 0.51
CA LEU B 133 6.75 -3.79 -0.77
C LEU B 133 5.71 -4.88 -0.48
N SER B 134 4.47 -4.72 -0.93
CA SER B 134 3.49 -5.77 -0.71
C SER B 134 3.10 -6.42 -2.04
N LEU B 135 3.39 -7.70 -2.14
CA LEU B 135 3.01 -8.51 -3.31
C LEU B 135 2.02 -9.62 -2.88
N TYR B 136 1.52 -9.50 -1.64
CA TYR B 136 0.65 -10.52 -1.02
C TYR B 136 -0.58 -10.75 -1.89
N ASP B 137 -0.99 -12.00 -2.05
CA ASP B 137 -2.25 -12.37 -2.72
C ASP B 137 -2.17 -11.95 -4.19
N ASN B 138 -1.27 -12.61 -4.89
CA ASN B 138 -1.17 -12.47 -6.34
C ASN B 138 -1.04 -13.88 -6.96
N LYS B 139 -0.57 -13.99 -8.20
CA LYS B 139 -0.47 -15.30 -8.86
C LYS B 139 0.97 -15.67 -9.22
N LEU B 140 1.92 -15.24 -8.41
CA LEU B 140 3.35 -15.49 -8.70
C LEU B 140 3.73 -16.94 -8.37
N GLN B 141 4.31 -17.64 -9.35
CA GLN B 141 4.79 -19.01 -9.14
C GLN B 141 6.29 -18.99 -8.90
N THR B 142 6.90 -17.87 -9.30
CA THR B 142 8.31 -17.65 -9.12
C THR B 142 8.64 -16.15 -9.09
N ILE B 143 9.85 -15.85 -8.66
CA ILE B 143 10.43 -14.51 -8.75
C ILE B 143 11.86 -14.73 -9.25
N ALA B 144 12.24 -14.01 -10.31
CA ALA B 144 13.54 -14.25 -10.92
C ALA B 144 14.66 -13.75 -10.03
N LYS B 145 15.76 -14.49 -10.00
CA LYS B 145 16.93 -14.11 -9.20
C LYS B 145 17.39 -12.69 -9.61
N GLY B 146 17.67 -11.83 -8.62
CA GLY B 146 18.05 -10.45 -8.93
C GLY B 146 16.93 -9.42 -8.81
N THR B 147 15.69 -9.89 -8.71
CA THR B 147 14.54 -8.95 -8.67
C THR B 147 14.58 -8.01 -7.45
N PHE B 148 15.17 -8.49 -6.35
CA PHE B 148 15.27 -7.71 -5.12
C PHE B 148 16.60 -7.02 -4.91
N SER B 149 17.59 -7.30 -5.75
CA SER B 149 18.87 -6.58 -5.67
C SER B 149 18.78 -5.04 -5.59
N PRO B 150 17.87 -4.37 -6.36
CA PRO B 150 17.84 -2.90 -6.21
C PRO B 150 17.33 -2.41 -4.85
N LEU B 151 16.66 -3.29 -4.09
CA LEU B 151 15.91 -2.85 -2.90
C LEU B 151 16.77 -2.61 -1.66
N ARG B 152 17.70 -1.66 -1.77
CA ARG B 152 18.70 -1.42 -0.73
C ARG B 152 18.17 -0.95 0.62
N ALA B 153 16.98 -0.34 0.65
CA ALA B 153 16.40 0.22 1.89
C ALA B 153 15.22 -0.58 2.41
N ILE B 154 14.95 -1.73 1.81
CA ILE B 154 13.74 -2.48 2.13
C ILE B 154 13.66 -2.89 3.62
N GLN B 155 12.53 -2.69 4.27
CA GLN B 155 12.38 -3.05 5.70
C GLN B 155 11.38 -4.16 5.91
N THR B 156 10.34 -4.15 5.08
CA THR B 156 9.21 -5.06 5.18
C THR B 156 8.80 -5.49 3.78
N MET B 157 8.49 -6.78 3.63
CA MET B 157 8.01 -7.35 2.39
C MET B 157 6.87 -8.32 2.73
N HIS B 158 5.82 -8.35 1.90
CA HIS B 158 4.77 -9.37 2.02
C HIS B 158 4.77 -10.17 0.73
N LEU B 159 5.01 -11.49 0.84
CA LEU B 159 5.01 -12.35 -0.37
C LEU B 159 4.00 -13.50 -0.33
N ALA B 160 3.23 -13.61 0.75
CA ALA B 160 2.39 -14.80 0.95
C ALA B 160 1.15 -14.77 0.03
N GLN B 161 0.37 -15.85 0.05
CA GLN B 161 -0.74 -16.02 -0.88
C GLN B 161 -0.28 -15.84 -2.33
N ASN B 162 0.87 -16.43 -2.63
CA ASN B 162 1.31 -16.65 -4.01
C ASN B 162 1.63 -18.13 -4.18
N PRO B 163 1.21 -18.73 -5.30
CA PRO B 163 1.40 -20.18 -5.55
C PRO B 163 2.85 -20.55 -5.92
N PHE B 164 3.81 -20.30 -5.02
CA PHE B 164 5.22 -20.49 -5.35
C PHE B 164 5.57 -21.94 -5.67
N ILE B 165 6.41 -22.10 -6.68
CA ILE B 165 7.03 -23.37 -7.03
C ILE B 165 8.44 -23.27 -6.47
N CYS B 166 8.68 -24.03 -5.41
CA CYS B 166 9.95 -23.96 -4.70
C CYS B 166 10.95 -24.96 -5.27
N ASP B 167 11.40 -24.66 -6.50
CA ASP B 167 12.43 -25.41 -7.21
C ASP B 167 13.76 -24.66 -7.18
N CYS B 168 14.71 -25.07 -8.01
CA CYS B 168 16.05 -24.49 -8.01
C CYS B 168 16.02 -22.99 -8.33
N HIS B 169 15.02 -22.58 -9.11
CA HIS B 169 14.92 -21.17 -9.52
C HIS B 169 14.45 -20.24 -8.40
N LEU B 170 13.97 -20.80 -7.29
CA LEU B 170 13.57 -20.00 -6.13
C LEU B 170 14.54 -20.15 -4.96
N LYS B 171 15.63 -20.90 -5.18
CA LYS B 171 16.64 -21.11 -4.14
C LYS B 171 17.18 -19.78 -3.60
N TRP B 172 17.49 -18.86 -4.51
CA TRP B 172 18.01 -17.52 -4.18
C TRP B 172 17.10 -16.81 -3.16
N LEU B 173 15.81 -17.10 -3.22
CA LEU B 173 14.86 -16.41 -2.34
C LEU B 173 14.94 -16.97 -0.92
N ALA B 174 15.05 -18.29 -0.81
CA ALA B 174 15.31 -18.90 0.49
C ALA B 174 16.56 -18.26 1.07
N ASP B 175 17.64 -18.19 0.29
CA ASP B 175 18.88 -17.55 0.75
C ASP B 175 18.62 -16.11 1.16
N TYR B 176 17.92 -15.38 0.30
CA TYR B 176 17.63 -13.98 0.51
C TYR B 176 16.86 -13.77 1.80
N LEU B 177 15.85 -14.61 2.03
CA LEU B 177 14.99 -14.49 3.21
C LEU B 177 15.63 -14.97 4.50
N HIS B 178 16.63 -15.86 4.40
CA HIS B 178 17.40 -16.24 5.58
C HIS B 178 18.36 -15.10 5.96
N THR B 179 19.02 -14.50 4.98
CA THR B 179 19.90 -13.37 5.28
C THR B 179 19.10 -12.09 5.64
N ASN B 180 17.93 -11.91 5.05
CA ASN B 180 17.09 -10.72 5.30
C ASN B 180 15.72 -11.12 5.81
N PRO B 181 15.53 -11.13 7.14
CA PRO B 181 14.27 -11.66 7.70
C PRO B 181 13.14 -10.61 7.71
N ILE B 182 12.82 -10.08 6.52
CA ILE B 182 11.95 -8.91 6.34
C ILE B 182 10.56 -9.27 5.80
N GLU B 183 10.36 -10.55 5.44
CA GLU B 183 9.12 -11.04 4.86
C GLU B 183 8.23 -11.49 6.02
N THR B 184 7.14 -10.76 6.22
CA THR B 184 6.35 -10.89 7.43
C THR B 184 5.02 -11.60 7.25
N SER B 185 4.64 -11.94 6.02
CA SER B 185 3.28 -12.50 5.80
C SER B 185 3.23 -14.04 5.71
N GLY B 186 4.40 -14.68 5.69
CA GLY B 186 4.47 -16.17 5.70
C GLY B 186 4.44 -16.82 4.33
N ALA B 187 5.30 -16.37 3.42
CA ALA B 187 5.39 -16.92 2.07
C ALA B 187 5.58 -18.43 2.16
N ARG B 188 4.80 -19.18 1.36
CA ARG B 188 4.74 -20.65 1.42
C ARG B 188 4.88 -21.28 0.06
N CYS B 189 5.49 -22.46 0.01
CA CYS B 189 5.52 -23.25 -1.22
C CYS B 189 4.16 -23.90 -1.51
N THR B 190 3.75 -23.85 -2.77
CA THR B 190 2.60 -24.62 -3.25
C THR B 190 3.06 -26.01 -3.75
N SER B 191 4.21 -26.02 -4.43
CA SER B 191 4.86 -27.25 -4.88
C SER B 191 6.39 -27.09 -4.75
N PRO B 192 7.16 -28.20 -4.89
CA PRO B 192 6.72 -29.59 -5.11
C PRO B 192 6.10 -30.21 -3.85
N ARG B 193 5.51 -31.40 -4.00
CA ARG B 193 4.78 -32.05 -2.91
C ARG B 193 5.49 -32.01 -1.57
N ARG B 194 6.79 -32.32 -1.56
CA ARG B 194 7.61 -32.34 -0.33
C ARG B 194 7.57 -31.03 0.45
N LEU B 195 7.47 -29.91 -0.28
CA LEU B 195 7.50 -28.58 0.33
C LEU B 195 6.14 -27.90 0.41
N ALA B 196 5.09 -28.56 -0.06
CA ALA B 196 3.75 -27.97 -0.05
C ALA B 196 3.35 -27.48 1.34
N ASN B 197 2.89 -26.22 1.42
CA ASN B 197 2.41 -25.61 2.67
C ASN B 197 3.54 -25.27 3.67
N LYS B 198 4.78 -25.31 3.22
CA LYS B 198 5.90 -24.97 4.10
C LYS B 198 6.38 -23.56 3.80
N ARG B 199 6.62 -22.78 4.85
CA ARG B 199 7.10 -21.41 4.67
C ARG B 199 8.48 -21.47 4.03
N ILE B 200 8.66 -20.68 2.97
CA ILE B 200 9.96 -20.56 2.28
C ILE B 200 11.10 -20.27 3.28
N GLY B 201 10.79 -19.45 4.28
CA GLY B 201 11.74 -19.06 5.31
C GLY B 201 12.15 -20.22 6.20
N GLN B 202 11.29 -21.23 6.31
CA GLN B 202 11.56 -22.39 7.17
C GLN B 202 12.37 -23.49 6.49
N ILE B 203 12.47 -23.44 5.17
CA ILE B 203 13.09 -24.52 4.38
C ILE B 203 14.57 -24.23 4.14
N LYS B 204 15.41 -25.22 4.40
CA LYS B 204 16.83 -25.12 4.09
C LYS B 204 17.01 -24.96 2.58
N SER B 205 17.92 -24.06 2.20
CA SER B 205 18.16 -23.73 0.79
C SER B 205 18.50 -24.91 -0.10
N LYS B 206 19.18 -25.93 0.45
CA LYS B 206 19.53 -27.13 -0.30
C LYS B 206 18.32 -27.86 -0.91
N LYS B 207 17.15 -27.69 -0.28
CA LYS B 207 15.93 -28.43 -0.66
C LYS B 207 15.22 -27.84 -1.89
N PHE B 208 15.71 -26.69 -2.31
CA PHE B 208 15.24 -26.05 -3.52
C PHE B 208 16.03 -26.59 -4.69
N ARG B 209 15.39 -27.48 -5.44
CA ARG B 209 16.06 -28.28 -6.43
C ARG B 209 15.19 -28.36 -7.63
N CYS B 210 15.82 -28.38 -8.80
CA CYS B 210 15.30 -28.97 -9.99
C CYS B 210 15.88 -30.35 -10.20
#